data_5CML
#
_entry.id   5CML
#
_cell.length_a   60.325
_cell.length_b   74.069
_cell.length_c   60.953
_cell.angle_alpha   90.00
_cell.angle_beta   113.47
_cell.angle_gamma   90.00
#
_symmetry.space_group_name_H-M   'P 1 21 1'
#
loop_
_entity.id
_entity.type
_entity.pdbx_description
1 polymer 'OsmC family protein'
2 non-polymer 'TRIETHYLENE GLYCOL'
3 water water
#
_entity_poly.entity_id   1
_entity_poly.type   'polypeptide(L)'
_entity_poly.pdbx_seq_one_letter_code
;MQIKTVTFENNRGERLAARLDLPVDTQPVAYALFAHCFTCSKNLKAVTTISRALTTQGYAVLRFDFTGLGESEGDFSETT
FATNFEDLRAACRFLSAQYEPPALLIGHSLGGAAVLAVAGEFPEVKAVATIGAPCDPAHVRHLLRPALDTIKTVGEAVVD
LGGRPFRIKKQFLEELERVNLEDQVRTMRRPLLLFHSPTDQIVGIENAACLFQAARHPKSFVSLDQADHLLSNSDDAAFV
GEVLGAWARRYVGRRLGHHHHHH
;
_entity_poly.pdbx_strand_id   A,B
#
loop_
_chem_comp.id
_chem_comp.type
_chem_comp.name
_chem_comp.formula
PGE non-polymer 'TRIETHYLENE GLYCOL' 'C6 H14 O4'
#
# COMPACT_ATOMS: atom_id res chain seq x y z
N MET A 1 -15.36 14.49 -10.87
CA MET A 1 -15.17 13.38 -11.85
C MET A 1 -16.17 13.50 -13.00
N GLN A 2 -15.69 13.28 -14.21
CA GLN A 2 -16.56 13.15 -15.38
C GLN A 2 -16.28 11.79 -16.02
N ILE A 3 -17.30 11.04 -16.39
CA ILE A 3 -17.11 9.74 -17.06
C ILE A 3 -17.54 9.83 -18.52
N LYS A 4 -16.67 9.31 -19.40
CA LYS A 4 -16.91 9.30 -20.84
C LYS A 4 -16.75 7.91 -21.44
N THR A 5 -17.56 7.60 -22.45
CA THR A 5 -17.38 6.40 -23.25
C THR A 5 -16.41 6.74 -24.37
N VAL A 6 -15.44 5.84 -24.60
CA VAL A 6 -14.48 6.00 -25.66
C VAL A 6 -14.46 4.76 -26.51
N THR A 7 -14.01 4.94 -27.73
CA THR A 7 -13.84 3.83 -28.67
C THR A 7 -12.49 3.95 -29.34
N PHE A 8 -11.88 2.82 -29.64
CA PHE A 8 -10.62 2.79 -30.36
C PHE A 8 -10.46 1.45 -31.02
N GLU A 9 -9.50 1.37 -31.93
CA GLU A 9 -9.29 0.15 -32.71
C GLU A 9 -8.01 -0.56 -32.33
N ASN A 10 -7.99 -1.88 -32.51
CA ASN A 10 -6.74 -2.61 -32.37
C ASN A 10 -6.10 -2.71 -33.75
N ASN A 11 -5.01 -3.45 -33.84
CA ASN A 11 -4.24 -3.46 -35.08
C ASN A 11 -4.89 -4.31 -36.17
N ARG A 12 -6.01 -4.96 -35.85
CA ARG A 12 -6.84 -5.66 -36.84
C ARG A 12 -8.07 -4.84 -37.24
N GLY A 13 -8.15 -3.62 -36.75
CA GLY A 13 -9.25 -2.74 -37.10
C GLY A 13 -10.54 -3.09 -36.40
N GLU A 14 -10.43 -3.89 -35.34
CA GLU A 14 -11.59 -4.24 -34.53
C GLU A 14 -11.87 -3.13 -33.55
N ARG A 15 -13.14 -2.82 -33.37
CA ARG A 15 -13.53 -1.71 -32.52
C ARG A 15 -13.67 -2.15 -31.08
N LEU A 16 -12.98 -1.44 -30.19
CA LEU A 16 -13.02 -1.73 -28.76
C LEU A 16 -13.65 -0.56 -28.03
N ALA A 17 -14.36 -0.83 -26.93
CA ALA A 17 -14.95 0.24 -26.13
C ALA A 17 -14.33 0.24 -24.74
N ALA A 18 -14.32 1.41 -24.13
CA ALA A 18 -13.82 1.55 -22.78
C ALA A 18 -14.49 2.76 -22.15
N ARG A 19 -14.23 2.97 -20.88
CA ARG A 19 -14.75 4.11 -20.14
C ARG A 19 -13.57 4.92 -19.62
N LEU A 20 -13.62 6.22 -19.81
CA LEU A 20 -12.57 7.13 -19.37
C LEU A 20 -13.12 8.02 -18.26
N ASP A 21 -12.52 7.90 -17.08
CA ASP A 21 -12.93 8.66 -15.91
C ASP A 21 -11.94 9.79 -15.70
N LEU A 22 -12.42 11.03 -15.73
CA LEU A 22 -11.57 12.20 -15.70
C LEU A 22 -11.69 12.94 -14.38
N PRO A 23 -10.59 13.52 -13.87
CA PRO A 23 -10.66 14.25 -12.60
C PRO A 23 -11.13 15.69 -12.81
N VAL A 24 -11.31 16.42 -11.73
CA VAL A 24 -11.58 17.86 -11.79
C VAL A 24 -10.37 18.62 -12.35
N ASP A 25 -9.17 18.21 -11.97
CA ASP A 25 -7.94 18.77 -12.50
C ASP A 25 -8.01 18.82 -14.04
N THR A 26 -7.85 19.99 -14.64
CA THR A 26 -7.81 20.06 -16.10
C THR A 26 -6.66 19.22 -16.67
N GLN A 27 -5.50 19.27 -16.00
CA GLN A 27 -4.39 18.37 -16.32
C GLN A 27 -4.29 17.29 -15.25
N PRO A 28 -4.58 16.03 -15.61
CA PRO A 28 -4.48 14.97 -14.61
C PRO A 28 -3.05 14.76 -14.15
N VAL A 29 -2.91 14.29 -12.91
CA VAL A 29 -1.59 13.97 -12.38
C VAL A 29 -0.96 12.90 -13.27
N ALA A 30 -1.80 12.00 -13.77
CA ALA A 30 -1.38 10.93 -14.66
C ALA A 30 -2.62 10.25 -15.24
N TYR A 31 -2.43 9.57 -16.36
CA TYR A 31 -3.44 8.67 -16.90
C TYR A 31 -3.07 7.24 -16.51
N ALA A 32 -4.07 6.48 -16.09
CA ALA A 32 -3.90 5.09 -15.71
C ALA A 32 -4.72 4.23 -16.63
N LEU A 33 -4.16 3.08 -17.03
CA LEU A 33 -4.91 2.05 -17.73
C LEU A 33 -5.26 1.02 -16.70
N PHE A 34 -6.54 0.69 -16.61
CA PHE A 34 -7.04 -0.23 -15.58
C PHE A 34 -7.74 -1.38 -16.26
N ALA A 35 -7.02 -2.50 -16.41
CA ALA A 35 -7.55 -3.71 -17.02
C ALA A 35 -8.12 -4.60 -15.93
N HIS A 36 -9.40 -4.90 -15.99
CA HIS A 36 -10.04 -5.54 -14.85
C HIS A 36 -11.07 -6.58 -15.26
N CYS A 37 -11.47 -7.40 -14.28
CA CYS A 37 -12.47 -8.44 -14.51
C CYS A 37 -13.68 -8.26 -13.61
N PHE A 38 -13.96 -7.02 -13.16
CA PHE A 38 -15.06 -6.81 -12.23
C PHE A 38 -16.41 -6.94 -12.92
N THR A 39 -16.40 -6.96 -14.24
CA THR A 39 -17.63 -7.18 -15.00
C THR A 39 -18.23 -8.57 -14.74
N CYS A 40 -17.43 -9.47 -14.17
CA CYS A 40 -17.88 -10.79 -13.71
C CYS A 40 -18.89 -10.71 -12.56
N SER A 41 -18.90 -9.60 -11.85
CA SER A 41 -19.82 -9.40 -10.72
C SER A 41 -21.22 -9.02 -11.17
N LYS A 42 -22.13 -8.93 -10.19
CA LYS A 42 -23.51 -8.55 -10.46
C LYS A 42 -23.63 -7.08 -10.85
N ASN A 43 -22.62 -6.28 -10.50
CA ASN A 43 -22.61 -4.85 -10.83
C ASN A 43 -21.19 -4.37 -10.99
N LEU A 44 -21.03 -3.10 -11.35
CA LEU A 44 -19.71 -2.52 -11.55
C LEU A 44 -19.31 -1.62 -10.40
N LYS A 45 -19.91 -1.84 -9.24
CA LYS A 45 -19.64 -0.95 -8.12
C LYS A 45 -18.16 -0.99 -7.72
N ALA A 46 -17.50 -2.14 -7.82
CA ALA A 46 -16.11 -2.21 -7.39
C ALA A 46 -15.21 -1.36 -8.28
N VAL A 47 -15.34 -1.51 -9.59
CA VAL A 47 -14.43 -0.80 -10.46
C VAL A 47 -14.71 0.71 -10.46
N THR A 48 -15.97 1.11 -10.35
CA THR A 48 -16.26 2.55 -10.32
C THR A 48 -15.85 3.17 -8.98
N THR A 49 -15.91 2.40 -7.90
CA THR A 49 -15.43 2.89 -6.62
C THR A 49 -13.90 3.07 -6.63
N ILE A 50 -13.16 2.12 -7.22
CA ILE A 50 -11.71 2.26 -7.32
C ILE A 50 -11.38 3.47 -8.19
N SER A 51 -12.04 3.55 -9.34
CA SER A 51 -11.78 4.61 -10.28
C SER A 51 -12.09 5.98 -9.66
N ARG A 52 -13.18 6.06 -8.91
CA ARG A 52 -13.56 7.30 -8.26
C ARG A 52 -12.51 7.72 -7.21
N ALA A 53 -11.94 6.76 -6.48
CA ALA A 53 -10.91 7.12 -5.54
C ALA A 53 -9.70 7.73 -6.25
N LEU A 54 -9.37 7.19 -7.42
CA LEU A 54 -8.24 7.69 -8.20
C LEU A 54 -8.54 9.08 -8.77
N THR A 55 -9.72 9.29 -9.34
CA THR A 55 -10.03 10.61 -9.87
C THR A 55 -10.06 11.69 -8.79
N THR A 56 -10.45 11.31 -7.57
CA THR A 56 -10.45 12.22 -6.43
C THR A 56 -9.04 12.76 -6.16
N GLN A 57 -8.05 11.92 -6.44
CA GLN A 57 -6.65 12.27 -6.23
C GLN A 57 -6.01 12.89 -7.47
N GLY A 58 -6.80 13.09 -8.51
CA GLY A 58 -6.33 13.81 -9.69
C GLY A 58 -5.93 12.95 -10.88
N TYR A 59 -6.12 11.64 -10.77
CA TYR A 59 -5.81 10.74 -11.89
C TYR A 59 -6.93 10.71 -12.91
N ALA A 60 -6.58 10.43 -14.16
CA ALA A 60 -7.55 9.99 -15.14
C ALA A 60 -7.39 8.50 -15.29
N VAL A 61 -8.50 7.79 -15.46
CA VAL A 61 -8.48 6.32 -15.48
C VAL A 61 -9.23 5.78 -16.70
N LEU A 62 -8.54 5.01 -17.53
CA LEU A 62 -9.18 4.29 -18.62
C LEU A 62 -9.47 2.87 -18.15
N ARG A 63 -10.75 2.58 -17.97
CA ARG A 63 -11.19 1.26 -17.55
C ARG A 63 -11.37 0.40 -18.77
N PHE A 64 -10.63 -0.70 -18.80
CA PHE A 64 -10.70 -1.62 -19.91
C PHE A 64 -11.22 -2.95 -19.38
N ASP A 65 -12.37 -3.35 -19.92
CA ASP A 65 -13.01 -4.59 -19.51
C ASP A 65 -12.35 -5.80 -20.15
N PHE A 66 -11.56 -6.49 -19.34
CA PHE A 66 -10.74 -7.60 -19.83
C PHE A 66 -11.59 -8.80 -20.20
N THR A 67 -12.81 -8.87 -19.66
CA THR A 67 -13.66 -10.03 -19.86
C THR A 67 -14.37 -10.03 -21.20
N GLY A 68 -14.48 -8.87 -21.84
CA GLY A 68 -15.27 -8.76 -23.06
C GLY A 68 -16.77 -8.85 -22.86
N LEU A 69 -17.22 -8.96 -21.60
CA LEU A 69 -18.65 -9.07 -21.32
C LEU A 69 -19.39 -7.76 -21.57
N GLY A 70 -18.65 -6.65 -21.62
CA GLY A 70 -19.24 -5.34 -21.80
C GLY A 70 -20.08 -4.95 -20.59
N ALA A 82 -13.32 -11.28 -27.51
CA ALA A 82 -12.40 -12.05 -26.67
C ALA A 82 -11.03 -11.36 -26.61
N THR A 83 -10.52 -11.18 -25.40
CA THR A 83 -9.35 -10.32 -25.22
C THR A 83 -8.00 -11.02 -25.41
N ASN A 84 -7.01 -10.20 -25.74
CA ASN A 84 -5.63 -10.63 -25.79
C ASN A 84 -4.69 -9.46 -25.44
N PHE A 85 -3.39 -9.72 -25.52
CA PHE A 85 -2.40 -8.69 -25.22
C PHE A 85 -2.47 -7.50 -26.16
N GLU A 86 -2.74 -7.75 -27.44
CA GLU A 86 -2.86 -6.67 -28.41
C GLU A 86 -3.97 -5.68 -28.06
N ASP A 87 -5.08 -6.14 -27.51
CA ASP A 87 -6.13 -5.21 -27.11
C ASP A 87 -5.65 -4.29 -26.00
N LEU A 88 -4.87 -4.81 -25.05
CA LEU A 88 -4.31 -3.96 -24.01
C LEU A 88 -3.31 -2.96 -24.61
N ARG A 89 -2.47 -3.42 -25.52
CA ARG A 89 -1.54 -2.51 -26.20
C ARG A 89 -2.31 -1.43 -26.96
N ALA A 90 -3.44 -1.81 -27.58
CA ALA A 90 -4.26 -0.86 -28.33
C ALA A 90 -4.82 0.23 -27.43
N ALA A 91 -5.14 -0.15 -26.19
CA ALA A 91 -5.66 0.80 -25.24
C ALA A 91 -4.57 1.79 -24.84
N CYS A 92 -3.36 1.28 -24.68
CA CYS A 92 -2.23 2.13 -24.34
C CYS A 92 -1.91 3.10 -25.48
N ARG A 93 -1.97 2.61 -26.72
CA ARG A 93 -1.75 3.47 -27.89
C ARG A 93 -2.81 4.57 -27.99
N PHE A 94 -4.05 4.22 -27.64
CA PHE A 94 -5.14 5.20 -27.66
C PHE A 94 -4.83 6.33 -26.69
N LEU A 95 -4.38 5.98 -25.48
CA LEU A 95 -4.05 7.00 -24.50
C LEU A 95 -2.86 7.86 -24.94
N SER A 96 -1.86 7.21 -25.52
CA SER A 96 -0.69 7.91 -26.02
C SER A 96 -1.06 8.93 -27.09
N ALA A 97 -2.01 8.57 -27.95
CA ALA A 97 -2.38 9.44 -29.06
C ALA A 97 -3.36 10.54 -28.63
N GLN A 98 -4.41 10.15 -27.92
CA GLN A 98 -5.51 11.08 -27.65
C GLN A 98 -5.42 11.78 -26.30
N TYR A 99 -4.59 11.23 -25.41
CA TYR A 99 -4.42 11.80 -24.08
C TYR A 99 -2.92 11.87 -23.80
N GLU A 100 -2.43 11.23 -22.75
CA GLU A 100 -1.00 11.12 -22.51
C GLU A 100 -0.68 9.65 -22.35
N PRO A 101 0.54 9.24 -22.69
CA PRO A 101 0.90 7.85 -22.43
C PRO A 101 0.68 7.51 -20.97
N PRO A 102 0.13 6.31 -20.70
CA PRO A 102 -0.18 6.05 -19.28
C PRO A 102 1.09 5.87 -18.45
N ALA A 103 1.08 6.50 -17.28
CA ALA A 103 2.19 6.43 -16.34
C ALA A 103 1.94 5.36 -15.29
N LEU A 104 0.71 4.86 -15.22
CA LEU A 104 0.33 3.84 -14.22
C LEU A 104 -0.48 2.78 -14.93
N LEU A 105 -0.08 1.51 -14.76
CA LEU A 105 -0.88 0.39 -15.17
C LEU A 105 -1.46 -0.28 -13.94
N ILE A 106 -2.74 -0.62 -14.03
CA ILE A 106 -3.45 -1.33 -12.96
C ILE A 106 -4.13 -2.54 -13.57
N GLY A 107 -3.98 -3.70 -12.94
CA GLY A 107 -4.63 -4.90 -13.44
C GLY A 107 -5.29 -5.70 -12.33
N HIS A 108 -6.53 -6.12 -12.56
CA HIS A 108 -7.23 -6.98 -11.62
C HIS A 108 -7.38 -8.38 -12.20
N SER A 109 -7.10 -9.39 -11.38
CA SER A 109 -7.28 -10.79 -11.71
C SER A 109 -6.41 -11.14 -12.94
N LEU A 110 -7.00 -11.77 -13.94
CA LEU A 110 -6.28 -12.04 -15.19
C LEU A 110 -5.71 -10.78 -15.82
N GLY A 111 -6.39 -9.64 -15.62
CA GLY A 111 -5.87 -8.37 -16.08
C GLY A 111 -4.59 -7.98 -15.40
N GLY A 112 -4.41 -8.45 -14.16
CA GLY A 112 -3.17 -8.20 -13.44
C GLY A 112 -2.01 -8.95 -14.08
N ALA A 113 -2.24 -10.20 -14.42
CA ALA A 113 -1.21 -10.96 -15.09
C ALA A 113 -0.86 -10.27 -16.42
N ALA A 114 -1.88 -9.78 -17.12
CA ALA A 114 -1.66 -9.13 -18.40
C ALA A 114 -0.84 -7.85 -18.28
N VAL A 115 -1.18 -6.96 -17.33
CA VAL A 115 -0.41 -5.71 -17.25
C VAL A 115 1.03 -5.99 -16.81
N LEU A 116 1.25 -7.00 -15.99
CA LEU A 116 2.60 -7.30 -15.55
C LEU A 116 3.42 -7.82 -16.71
N ALA A 117 2.78 -8.55 -17.62
CA ALA A 117 3.48 -9.10 -18.77
C ALA A 117 3.82 -8.06 -19.84
N VAL A 118 3.06 -6.97 -19.91
CA VAL A 118 3.32 -5.95 -20.94
C VAL A 118 3.94 -4.66 -20.40
N ALA A 119 4.04 -4.48 -19.09
CA ALA A 119 4.49 -3.20 -18.55
C ALA A 119 5.86 -2.82 -19.10
N GLY A 120 6.74 -3.81 -19.21
CA GLY A 120 8.08 -3.58 -19.70
C GLY A 120 8.14 -3.14 -21.13
N GLU A 121 7.02 -3.21 -21.84
CA GLU A 121 6.97 -2.80 -23.25
C GLU A 121 6.78 -1.29 -23.43
N PHE A 122 6.46 -0.60 -22.33
CA PHE A 122 6.07 0.80 -22.36
C PHE A 122 6.92 1.62 -21.38
N PRO A 123 8.00 2.25 -21.88
CA PRO A 123 8.91 3.05 -21.06
C PRO A 123 8.23 4.12 -20.21
N GLU A 124 7.15 4.69 -20.72
CA GLU A 124 6.47 5.78 -20.03
C GLU A 124 5.73 5.32 -18.78
N VAL A 125 5.50 4.00 -18.65
CA VAL A 125 4.86 3.47 -17.45
C VAL A 125 5.86 3.58 -16.30
N LYS A 126 5.45 4.25 -15.22
CA LYS A 126 6.33 4.53 -14.10
C LYS A 126 6.00 3.67 -12.88
N ALA A 127 4.85 3.01 -12.89
CA ALA A 127 4.40 2.23 -11.74
C ALA A 127 3.34 1.24 -12.16
N VAL A 128 3.31 0.08 -11.50
CA VAL A 128 2.35 -0.96 -11.81
C VAL A 128 1.74 -1.48 -10.54
N ALA A 129 0.42 -1.72 -10.57
CA ALA A 129 -0.29 -2.21 -9.40
C ALA A 129 -1.27 -3.29 -9.85
N THR A 130 -1.39 -4.36 -9.08
CA THR A 130 -2.33 -5.41 -9.40
C THR A 130 -3.16 -5.83 -8.21
N ILE A 131 -4.30 -6.44 -8.51
CA ILE A 131 -5.27 -6.89 -7.50
C ILE A 131 -5.65 -8.34 -7.78
N GLY A 132 -5.28 -9.26 -6.89
CA GLY A 132 -5.70 -10.64 -7.06
C GLY A 132 -5.05 -11.33 -8.26
N ALA A 133 -3.86 -10.90 -8.65
CA ALA A 133 -3.23 -11.43 -9.87
C ALA A 133 -2.65 -12.84 -9.67
N PRO A 134 -2.84 -13.72 -10.65
CA PRO A 134 -2.19 -15.04 -10.59
C PRO A 134 -0.73 -14.89 -10.98
N CYS A 135 0.13 -15.80 -10.52
CA CYS A 135 1.57 -15.67 -10.69
CA CYS A 135 1.56 -15.63 -10.71
C CYS A 135 2.11 -16.48 -11.85
N ASP A 136 1.38 -17.52 -12.24
CA ASP A 136 1.90 -18.47 -13.22
C ASP A 136 0.81 -19.20 -14.00
N PRO A 137 1.19 -19.89 -15.08
CA PRO A 137 0.17 -20.59 -15.87
C PRO A 137 -0.61 -21.65 -15.11
N ALA A 138 -0.02 -22.34 -14.15
CA ALA A 138 -0.78 -23.35 -13.43
C ALA A 138 -1.98 -22.72 -12.74
N HIS A 139 -1.80 -21.53 -12.17
CA HIS A 139 -2.89 -20.89 -11.43
C HIS A 139 -3.88 -20.24 -12.40
N VAL A 140 -3.44 -19.86 -13.59
CA VAL A 140 -4.38 -19.45 -14.62
C VAL A 140 -5.19 -20.65 -15.14
N ARG A 141 -4.53 -21.79 -15.37
CA ARG A 141 -5.25 -22.98 -15.83
C ARG A 141 -6.39 -23.39 -14.92
N HIS A 142 -6.22 -23.15 -13.62
CA HIS A 142 -7.27 -23.42 -12.66
C HIS A 142 -8.58 -22.72 -13.02
N LEU A 143 -8.46 -21.58 -13.70
CA LEU A 143 -9.59 -20.71 -14.01
C LEU A 143 -10.23 -20.93 -15.39
N LEU A 144 -9.55 -21.69 -16.24
CA LEU A 144 -9.84 -21.69 -17.69
C LEU A 144 -10.07 -23.09 -18.23
N ARG A 145 -10.89 -23.18 -19.28
CA ARG A 145 -11.01 -24.40 -20.07
C ARG A 145 -11.22 -24.04 -21.56
N PRO A 146 -10.76 -24.90 -22.49
CA PRO A 146 -11.02 -24.57 -23.91
C PRO A 146 -12.50 -24.38 -24.23
N ALA A 147 -12.82 -23.37 -25.02
CA ALA A 147 -14.17 -23.18 -25.51
C ALA A 147 -14.39 -24.08 -26.72
N LEU A 148 -15.65 -24.34 -27.04
CA LEU A 148 -15.99 -25.12 -28.23
C LEU A 148 -15.68 -24.30 -29.49
N ASP A 149 -14.96 -24.90 -30.43
CA ASP A 149 -14.62 -24.24 -31.69
C ASP A 149 -15.81 -24.24 -32.64
N THR A 150 -15.81 -23.31 -33.60
CA THR A 150 -16.78 -23.31 -34.68
C THR A 150 -16.14 -22.82 -35.97
N THR A 153 -15.33 -19.06 -35.29
CA THR A 153 -14.60 -18.65 -34.10
C THR A 153 -13.81 -19.82 -33.53
N VAL A 154 -12.49 -19.68 -33.59
CA VAL A 154 -11.57 -20.70 -33.11
C VAL A 154 -10.66 -20.10 -32.05
N GLY A 155 -10.02 -20.96 -31.26
CA GLY A 155 -8.91 -20.56 -30.42
C GLY A 155 -9.27 -19.70 -29.23
N GLU A 156 -10.40 -19.99 -28.59
CA GLU A 156 -10.81 -19.26 -27.39
C GLU A 156 -10.95 -20.19 -26.18
N ALA A 157 -11.07 -19.60 -25.00
CA ALA A 157 -11.19 -20.37 -23.76
C ALA A 157 -12.27 -19.75 -22.88
N VAL A 158 -12.88 -20.55 -22.01
CA VAL A 158 -13.89 -20.05 -21.06
C VAL A 158 -13.29 -19.91 -19.65
N VAL A 159 -13.47 -18.73 -19.07
CA VAL A 159 -12.89 -18.36 -17.79
C VAL A 159 -13.97 -18.32 -16.72
N ASP A 160 -13.64 -18.84 -15.54
CA ASP A 160 -14.53 -18.82 -14.39
C ASP A 160 -13.81 -18.18 -13.20
N LEU A 161 -14.26 -16.98 -12.81
CA LEU A 161 -13.73 -16.28 -11.64
C LEU A 161 -14.75 -16.25 -10.50
N GLY A 162 -15.73 -17.14 -10.58
CA GLY A 162 -16.71 -17.27 -9.52
C GLY A 162 -17.94 -16.40 -9.69
N GLY A 163 -17.99 -15.67 -10.81
CA GLY A 163 -19.16 -14.88 -11.16
C GLY A 163 -19.65 -15.26 -12.55
N ARG A 164 -19.93 -14.26 -13.38
CA ARG A 164 -20.34 -14.50 -14.75
C ARG A 164 -19.13 -15.02 -15.53
N PRO A 165 -19.24 -16.20 -16.17
CA PRO A 165 -18.09 -16.67 -16.93
C PRO A 165 -17.89 -15.89 -18.22
N PHE A 166 -16.72 -15.99 -18.82
CA PHE A 166 -16.45 -15.25 -20.06
C PHE A 166 -15.44 -15.97 -20.94
N ARG A 167 -15.30 -15.47 -22.17
CA ARG A 167 -14.36 -16.04 -23.13
C ARG A 167 -13.12 -15.19 -23.28
N ILE A 168 -11.98 -15.83 -23.54
CA ILE A 168 -10.78 -15.12 -23.97
C ILE A 168 -10.03 -15.93 -25.02
N LYS A 169 -9.12 -15.30 -25.75
CA LYS A 169 -8.28 -16.02 -26.70
C LYS A 169 -7.32 -17.02 -26.03
N LYS A 170 -7.21 -18.23 -26.59
CA LYS A 170 -6.19 -19.19 -26.12
C LYS A 170 -4.80 -18.58 -26.27
N GLN A 171 -4.66 -17.67 -27.23
CA GLN A 171 -3.41 -16.95 -27.45
C GLN A 171 -2.94 -16.26 -26.16
N PHE A 172 -3.88 -15.82 -25.32
CA PHE A 172 -3.51 -15.16 -24.07
C PHE A 172 -2.61 -16.06 -23.20
N LEU A 173 -3.07 -17.25 -22.87
CA LEU A 173 -2.30 -18.10 -21.98
C LEU A 173 -1.04 -18.57 -22.68
N GLU A 174 -1.16 -18.89 -23.97
CA GLU A 174 0.03 -19.30 -24.74
C GLU A 174 1.14 -18.24 -24.68
N GLU A 175 0.76 -16.99 -24.91
CA GLU A 175 1.72 -15.91 -24.91
C GLU A 175 2.25 -15.63 -23.52
N LEU A 176 1.40 -15.71 -22.52
CA LEU A 176 1.80 -15.50 -21.14
C LEU A 176 2.82 -16.55 -20.70
N GLU A 177 2.55 -17.79 -21.07
CA GLU A 177 3.43 -18.89 -20.75
C GLU A 177 4.77 -18.72 -21.49
N ARG A 178 4.73 -18.24 -22.73
CA ARG A 178 5.97 -18.06 -23.49
C ARG A 178 6.82 -16.90 -22.94
N VAL A 179 6.22 -15.75 -22.58
CA VAL A 179 7.04 -14.63 -22.10
C VAL A 179 7.56 -14.86 -20.70
N ASN A 180 6.80 -15.66 -19.93
CA ASN A 180 7.05 -16.01 -18.52
C ASN A 180 6.84 -14.80 -17.60
N LEU A 181 5.75 -14.87 -16.87
CA LEU A 181 5.36 -13.74 -16.04
C LEU A 181 6.41 -13.40 -14.97
N GLU A 182 6.99 -14.42 -14.32
CA GLU A 182 8.00 -14.14 -13.31
C GLU A 182 9.24 -13.44 -13.90
N ASP A 183 9.66 -13.82 -15.10
CA ASP A 183 10.79 -13.13 -15.76
C ASP A 183 10.45 -11.67 -16.04
N GLN A 184 9.24 -11.45 -16.54
CA GLN A 184 8.80 -10.10 -16.85
C GLN A 184 8.78 -9.22 -15.60
N VAL A 185 8.31 -9.79 -14.50
CA VAL A 185 8.20 -9.04 -13.27
C VAL A 185 9.60 -8.72 -12.74
N ARG A 186 10.50 -9.69 -12.84
CA ARG A 186 11.86 -9.49 -12.35
C ARG A 186 12.61 -8.39 -13.13
N THR A 187 12.33 -8.26 -14.43
CA THR A 187 13.05 -7.32 -15.29
C THR A 187 12.28 -6.03 -15.64
N MET A 188 11.08 -5.86 -15.07
CA MET A 188 10.24 -4.68 -15.27
C MET A 188 10.92 -3.33 -14.92
N ARG A 189 11.72 -3.34 -13.86
CA ARG A 189 12.46 -2.16 -13.42
C ARG A 189 11.50 -0.99 -13.19
N ARG A 190 10.36 -1.30 -12.59
CA ARG A 190 9.39 -0.27 -12.20
CA ARG A 190 9.38 -0.29 -12.22
C ARG A 190 8.83 -0.63 -10.84
N PRO A 191 8.47 0.38 -10.06
CA PRO A 191 7.82 0.07 -8.78
C PRO A 191 6.52 -0.73 -8.95
N LEU A 192 6.35 -1.68 -8.04
CA LEU A 192 5.23 -2.62 -8.05
C LEU A 192 4.46 -2.57 -6.73
N LEU A 193 3.14 -2.58 -6.83
CA LEU A 193 2.27 -2.71 -5.66
C LEU A 193 1.27 -3.84 -5.90
N LEU A 194 1.36 -4.87 -5.06
CA LEU A 194 0.46 -6.01 -5.12
C LEU A 194 -0.61 -5.93 -4.05
N PHE A 195 -1.88 -6.01 -4.44
CA PHE A 195 -2.98 -6.18 -3.50
C PHE A 195 -3.47 -7.60 -3.59
N HIS A 196 -3.78 -8.25 -2.46
CA HIS A 196 -4.36 -9.57 -2.51
C HIS A 196 -5.05 -9.88 -1.21
N SER A 197 -6.18 -10.58 -1.29
CA SER A 197 -6.87 -11.04 -0.10
C SER A 197 -6.38 -12.41 0.34
N PRO A 198 -6.07 -12.55 1.63
CA PRO A 198 -5.67 -13.88 2.12
C PRO A 198 -6.82 -14.86 1.97
N THR A 199 -8.07 -14.37 1.92
CA THR A 199 -9.24 -15.24 1.84
C THR A 199 -9.75 -15.39 0.40
N ASP A 200 -8.96 -14.98 -0.58
CA ASP A 200 -9.31 -15.15 -1.99
C ASP A 200 -9.47 -16.63 -2.32
N GLN A 201 -10.65 -16.99 -2.83
CA GLN A 201 -10.99 -18.39 -3.13
C GLN A 201 -10.72 -18.77 -4.59
N ILE A 202 -10.39 -17.78 -5.40
CA ILE A 202 -10.28 -17.94 -6.85
C ILE A 202 -8.82 -17.99 -7.26
N VAL A 203 -8.07 -16.99 -6.80
CA VAL A 203 -6.63 -16.93 -6.98
C VAL A 203 -6.02 -16.85 -5.59
N GLY A 204 -5.38 -17.94 -5.16
CA GLY A 204 -4.87 -18.00 -3.82
C GLY A 204 -3.79 -16.96 -3.50
N ILE A 205 -3.71 -16.60 -2.21
CA ILE A 205 -2.77 -15.62 -1.73
C ILE A 205 -1.31 -16.01 -2.02
N GLU A 206 -1.01 -17.30 -2.17
CA GLU A 206 0.35 -17.72 -2.50
C GLU A 206 0.83 -17.09 -3.81
N ASN A 207 -0.10 -16.68 -4.68
CA ASN A 207 0.26 -16.03 -5.95
C ASN A 207 0.91 -14.68 -5.70
N ALA A 208 0.45 -13.96 -4.68
CA ALA A 208 1.04 -12.67 -4.36
C ALA A 208 2.46 -12.88 -3.81
N ALA A 209 2.68 -13.92 -3.02
CA ALA A 209 4.02 -14.19 -2.48
C ALA A 209 4.97 -14.54 -3.61
N CYS A 210 4.48 -15.29 -4.58
CA CYS A 210 5.24 -15.70 -5.75
CA CYS A 210 5.32 -15.68 -5.70
C CYS A 210 5.68 -14.48 -6.55
N LEU A 211 4.73 -13.58 -6.80
CA LEU A 211 5.03 -12.39 -7.56
C LEU A 211 6.00 -11.48 -6.78
N PHE A 212 5.80 -11.37 -5.47
CA PHE A 212 6.67 -10.51 -4.67
C PHE A 212 8.11 -11.03 -4.66
N GLN A 213 8.27 -12.34 -4.55
CA GLN A 213 9.62 -12.93 -4.56
C GLN A 213 10.32 -12.73 -5.91
N ALA A 214 9.54 -12.74 -6.99
CA ALA A 214 10.10 -12.60 -8.33
C ALA A 214 10.57 -11.17 -8.57
N ALA A 215 9.80 -10.23 -8.02
CA ALA A 215 10.07 -8.83 -8.23
C ALA A 215 11.32 -8.35 -7.51
N ARG A 216 11.82 -7.21 -7.96
CA ARG A 216 12.91 -6.51 -7.31
C ARG A 216 12.33 -5.24 -6.71
N HIS A 217 13.07 -4.62 -5.81
CA HIS A 217 12.59 -3.36 -5.25
C HIS A 217 12.62 -2.25 -6.29
N PRO A 218 11.70 -1.27 -6.15
CA PRO A 218 10.69 -1.22 -5.08
C PRO A 218 9.52 -2.17 -5.33
N LYS A 219 9.21 -2.95 -4.31
CA LYS A 219 8.06 -3.83 -4.35
C LYS A 219 7.33 -3.78 -3.03
N SER A 220 6.00 -3.77 -3.11
CA SER A 220 5.10 -3.60 -1.99
C SER A 220 3.92 -4.55 -2.07
N PHE A 221 3.34 -4.82 -0.90
CA PHE A 221 2.19 -5.71 -0.78
C PHE A 221 1.21 -5.17 0.24
N VAL A 222 -0.06 -5.10 -0.14
CA VAL A 222 -1.12 -4.70 0.79
C VAL A 222 -2.17 -5.80 0.88
N SER A 223 -2.42 -6.24 2.11
CA SER A 223 -3.41 -7.25 2.39
C SER A 223 -4.84 -6.73 2.32
N LEU A 224 -5.71 -7.48 1.65
CA LEU A 224 -7.14 -7.12 1.59
C LEU A 224 -8.00 -7.88 2.63
N ASP A 225 -7.36 -8.43 3.66
CA ASP A 225 -8.04 -9.03 4.82
C ASP A 225 -9.12 -10.06 4.44
N GLN A 226 -10.40 -9.69 4.49
CA GLN A 226 -11.50 -10.63 4.26
C GLN A 226 -12.20 -10.42 2.91
N ALA A 227 -11.60 -9.64 2.04
CA ALA A 227 -12.20 -9.37 0.74
C ALA A 227 -12.26 -10.63 -0.13
N ASP A 228 -13.23 -10.64 -1.05
CA ASP A 228 -13.26 -11.69 -2.04
C ASP A 228 -12.59 -11.23 -3.33
N HIS A 229 -12.41 -12.16 -4.25
CA HIS A 229 -11.66 -11.92 -5.47
C HIS A 229 -12.20 -10.74 -6.29
N LEU A 230 -13.52 -10.60 -6.30
CA LEU A 230 -14.18 -9.57 -7.09
C LEU A 230 -14.55 -8.29 -6.30
N LEU A 231 -14.06 -8.19 -5.07
CA LEU A 231 -14.28 -7.01 -4.20
C LEU A 231 -15.75 -6.61 -4.12
N SER A 232 -16.57 -7.56 -3.68
CA SER A 232 -18.00 -7.34 -3.57
C SER A 232 -18.38 -6.40 -2.42
N ASN A 233 -17.45 -6.16 -1.50
CA ASN A 233 -17.61 -5.15 -0.46
C ASN A 233 -16.98 -3.83 -0.93
N SER A 234 -17.80 -2.82 -1.16
CA SER A 234 -17.29 -1.59 -1.74
C SER A 234 -16.32 -0.85 -0.81
N ASP A 235 -16.34 -1.18 0.49
CA ASP A 235 -15.35 -0.60 1.40
C ASP A 235 -13.94 -1.08 1.02
N ASP A 236 -13.86 -2.33 0.55
CA ASP A 236 -12.58 -2.88 0.10
C ASP A 236 -12.13 -2.22 -1.20
N ALA A 237 -13.07 -2.00 -2.11
CA ALA A 237 -12.75 -1.32 -3.37
C ALA A 237 -12.26 0.13 -3.11
N ALA A 238 -12.90 0.84 -2.18
CA ALA A 238 -12.48 2.21 -1.88
C ALA A 238 -11.07 2.25 -1.31
N PHE A 239 -10.79 1.30 -0.43
CA PHE A 239 -9.49 1.10 0.19
C PHE A 239 -8.41 0.89 -0.88
N VAL A 240 -8.67 -0.01 -1.82
CA VAL A 240 -7.72 -0.29 -2.88
C VAL A 240 -7.44 0.99 -3.67
N GLY A 241 -8.50 1.68 -4.08
CA GLY A 241 -8.34 2.88 -4.89
C GLY A 241 -7.57 3.99 -4.17
N GLU A 242 -7.87 4.21 -2.90
CA GLU A 242 -7.24 5.31 -2.13
C GLU A 242 -5.75 5.01 -1.87
N VAL A 243 -5.45 3.77 -1.49
CA VAL A 243 -4.07 3.41 -1.24
C VAL A 243 -3.26 3.43 -2.53
N LEU A 244 -3.84 2.89 -3.60
CA LEU A 244 -3.17 2.82 -4.89
C LEU A 244 -2.82 4.25 -5.36
N GLY A 245 -3.77 5.15 -5.28
CA GLY A 245 -3.55 6.52 -5.73
C GLY A 245 -2.45 7.20 -4.93
N ALA A 246 -2.47 7.01 -3.62
CA ALA A 246 -1.46 7.63 -2.76
C ALA A 246 -0.07 7.06 -3.05
N TRP A 247 0.00 5.75 -3.23
CA TRP A 247 1.26 5.10 -3.51
C TRP A 247 1.85 5.54 -4.84
N ALA A 248 1.03 5.55 -5.88
CA ALA A 248 1.55 5.80 -7.19
C ALA A 248 1.97 7.26 -7.39
N ARG A 249 1.47 8.16 -6.56
CA ARG A 249 1.80 9.57 -6.69
C ARG A 249 3.33 9.81 -6.54
N ARG A 250 4.00 8.94 -5.78
CA ARG A 250 5.45 9.03 -5.59
C ARG A 250 6.20 8.91 -6.92
N TYR A 251 5.58 8.24 -7.88
CA TYR A 251 6.27 7.79 -9.11
C TYR A 251 5.80 8.42 -10.39
N VAL A 252 4.54 8.85 -10.42
CA VAL A 252 3.96 9.39 -11.64
C VAL A 252 4.10 10.92 -11.67
N GLY A 253 4.24 11.52 -10.50
CA GLY A 253 4.38 12.97 -10.38
C GLY A 253 3.52 13.54 -9.27
N GLN B 2 -4.26 23.20 12.52
CA GLN B 2 -4.33 23.77 13.85
C GLN B 2 -3.34 23.03 14.77
N ILE B 3 -2.48 23.76 15.48
CA ILE B 3 -1.46 23.13 16.31
C ILE B 3 -1.59 23.53 17.79
N LYS B 4 -1.38 22.56 18.67
CA LYS B 4 -1.46 22.76 20.11
C LYS B 4 -0.35 22.02 20.82
N THR B 5 0.35 22.69 21.73
CA THR B 5 1.26 21.99 22.63
C THR B 5 0.44 21.49 23.81
N VAL B 6 0.60 20.23 24.16
CA VAL B 6 -0.13 19.62 25.27
C VAL B 6 0.83 18.96 26.25
N THR B 7 0.42 18.85 27.51
CA THR B 7 1.23 18.15 28.49
C THR B 7 0.40 17.11 29.22
N PHE B 8 1.07 16.10 29.76
CA PHE B 8 0.42 15.06 30.54
C PHE B 8 1.46 14.48 31.49
N GLU B 9 1.04 13.57 32.34
CA GLU B 9 1.92 12.97 33.34
C GLU B 9 1.95 11.46 33.18
N ASN B 10 3.10 10.85 33.46
CA ASN B 10 3.20 9.41 33.53
C ASN B 10 2.88 8.97 34.96
N ASN B 11 3.01 7.68 35.25
CA ASN B 11 2.59 7.17 36.56
C ASN B 11 3.58 7.47 37.68
N ARG B 12 4.67 8.17 37.35
CA ARG B 12 5.59 8.66 38.36
C ARG B 12 5.38 10.15 38.63
N GLY B 13 4.43 10.74 37.93
CA GLY B 13 4.11 12.15 38.10
C GLY B 13 5.00 13.07 37.29
N GLU B 14 5.78 12.48 36.39
CA GLU B 14 6.72 13.25 35.57
C GLU B 14 5.95 13.88 34.42
N ARG B 15 6.21 15.15 34.17
CA ARG B 15 5.48 15.91 33.16
C ARG B 15 6.07 15.67 31.77
N LEU B 16 5.21 15.31 30.82
CA LEU B 16 5.65 15.06 29.46
C LEU B 16 4.98 16.09 28.56
N ALA B 17 5.66 16.43 27.46
CA ALA B 17 5.11 17.37 26.47
C ALA B 17 4.97 16.68 25.12
N ALA B 18 3.99 17.14 24.34
CA ALA B 18 3.81 16.63 22.99
C ALA B 18 3.13 17.69 22.15
N ARG B 19 3.15 17.53 20.83
CA ARG B 19 2.44 18.44 19.95
C ARG B 19 1.22 17.73 19.37
N LEU B 20 0.06 18.37 19.42
CA LEU B 20 -1.16 17.85 18.81
C LEU B 20 -1.54 18.67 17.58
N ASP B 21 -1.58 17.99 16.43
CA ASP B 21 -1.93 18.60 15.16
C ASP B 21 -3.36 18.22 14.84
N LEU B 22 -4.21 19.22 14.59
CA LEU B 22 -5.63 18.99 14.37
C LEU B 22 -6.05 19.31 12.93
N PRO B 23 -7.00 18.54 12.39
CA PRO B 23 -7.57 18.87 11.08
C PRO B 23 -8.58 20.03 11.19
N VAL B 24 -9.04 20.51 10.05
CA VAL B 24 -10.17 21.40 10.02
C VAL B 24 -11.41 20.65 10.48
N ASP B 25 -11.50 19.38 10.09
CA ASP B 25 -12.59 18.51 10.51
C ASP B 25 -12.80 18.66 11.99
N THR B 26 -13.91 19.30 12.36
CA THR B 26 -14.18 19.54 13.77
C THR B 26 -14.47 18.21 14.45
N GLN B 27 -14.66 17.18 13.65
CA GLN B 27 -14.61 15.84 14.14
C GLN B 27 -13.49 15.12 13.37
N PRO B 28 -12.31 15.03 13.99
CA PRO B 28 -11.26 14.16 13.44
C PRO B 28 -11.81 12.78 13.13
N VAL B 29 -11.38 12.18 12.03
CA VAL B 29 -11.83 10.82 11.70
C VAL B 29 -11.29 9.88 12.78
N ALA B 30 -10.11 10.20 13.29
CA ALA B 30 -9.45 9.40 14.31
C ALA B 30 -8.30 10.19 14.91
N TYR B 31 -7.87 9.78 16.09
CA TYR B 31 -6.66 10.29 16.69
C TYR B 31 -5.57 9.26 16.45
N ALA B 32 -4.40 9.75 16.07
CA ALA B 32 -3.22 8.92 15.88
C ALA B 32 -2.12 9.36 16.83
N LEU B 33 -1.43 8.38 17.41
CA LEU B 33 -0.23 8.65 18.18
CA LEU B 33 -0.22 8.64 18.18
C LEU B 33 0.99 8.30 17.34
N PHE B 34 1.86 9.27 17.15
CA PHE B 34 3.03 9.17 16.27
C PHE B 34 4.32 9.27 17.09
N ALA B 35 4.88 8.12 17.46
CA ALA B 35 6.13 8.03 18.21
C ALA B 35 7.28 7.93 17.25
N HIS B 36 8.20 8.88 17.29
CA HIS B 36 9.22 8.93 16.23
C HIS B 36 10.58 9.39 16.74
N CYS B 37 11.57 9.20 15.87
CA CYS B 37 12.92 9.64 16.14
C CYS B 37 13.45 10.62 15.09
N PHE B 38 12.56 11.37 14.45
CA PHE B 38 13.00 12.31 13.41
C PHE B 38 13.71 13.53 13.98
N THR B 39 13.64 13.70 15.30
CA THR B 39 14.37 14.77 15.95
C THR B 39 15.88 14.54 15.82
N CYS B 40 16.26 13.32 15.45
CA CYS B 40 17.67 13.00 15.17
C CYS B 40 18.16 13.76 13.93
N SER B 41 17.23 14.23 13.11
CA SER B 41 17.57 14.93 11.86
C SER B 41 17.88 16.40 12.11
N LYS B 42 18.30 17.10 11.06
CA LYS B 42 18.66 18.52 11.19
C LYS B 42 17.41 19.39 11.38
N ASN B 43 16.24 18.83 11.05
CA ASN B 43 14.99 19.54 11.20
C ASN B 43 13.84 18.55 11.37
N LEU B 44 12.64 19.06 11.62
CA LEU B 44 11.47 18.23 11.84
C LEU B 44 10.61 18.14 10.59
N LYS B 45 11.22 18.36 9.42
CA LYS B 45 10.44 18.37 8.18
C LYS B 45 9.71 17.06 7.95
N ALA B 46 10.31 15.94 8.32
CA ALA B 46 9.69 14.65 8.05
C ALA B 46 8.44 14.49 8.92
N VAL B 47 8.53 14.88 10.18
CA VAL B 47 7.38 14.76 11.11
C VAL B 47 6.26 15.64 10.62
N THR B 48 6.62 16.87 10.27
CA THR B 48 5.66 17.87 9.85
C THR B 48 4.96 17.43 8.57
N THR B 49 5.74 16.87 7.64
CA THR B 49 5.19 16.44 6.37
C THR B 49 4.23 15.26 6.55
N ILE B 50 4.63 14.30 7.35
CA ILE B 50 3.76 13.14 7.61
C ILE B 50 2.51 13.59 8.35
N SER B 51 2.71 14.42 9.37
CA SER B 51 1.56 14.91 10.12
C SER B 51 0.60 15.71 9.24
N ARG B 52 1.15 16.56 8.37
CA ARG B 52 0.32 17.36 7.49
C ARG B 52 -0.46 16.45 6.53
N ALA B 53 0.19 15.40 6.04
CA ALA B 53 -0.52 14.46 5.17
C ALA B 53 -1.72 13.87 5.91
N LEU B 54 -1.53 13.57 7.19
CA LEU B 54 -2.59 12.92 7.95
C LEU B 54 -3.70 13.90 8.34
N THR B 55 -3.35 15.11 8.75
CA THR B 55 -4.37 16.09 9.13
C THR B 55 -5.17 16.52 7.90
N THR B 56 -4.53 16.53 6.73
CA THR B 56 -5.24 16.85 5.50
C THR B 56 -6.31 15.79 5.22
N GLN B 57 -6.04 14.56 5.67
CA GLN B 57 -6.97 13.45 5.52
C GLN B 57 -8.00 13.37 6.65
N GLY B 58 -7.91 14.27 7.61
CA GLY B 58 -8.92 14.34 8.68
C GLY B 58 -8.48 13.73 10.01
N TYR B 59 -7.24 13.24 10.09
CA TYR B 59 -6.72 12.72 11.36
C TYR B 59 -6.25 13.83 12.29
N ALA B 60 -6.39 13.60 13.60
CA ALA B 60 -5.63 14.36 14.59
C ALA B 60 -4.38 13.54 14.89
N VAL B 61 -3.26 14.21 15.11
CA VAL B 61 -1.98 13.53 15.26
C VAL B 61 -1.26 14.03 16.49
N LEU B 62 -1.07 13.14 17.46
CA LEU B 62 -0.23 13.46 18.62
C LEU B 62 1.20 13.01 18.36
N ARG B 63 2.09 14.00 18.25
CA ARG B 63 3.49 13.78 17.95
C ARG B 63 4.25 13.58 19.25
N PHE B 64 4.85 12.41 19.37
CA PHE B 64 5.56 11.99 20.56
C PHE B 64 7.03 11.76 20.20
N ASP B 65 7.90 12.57 20.78
CA ASP B 65 9.32 12.54 20.49
C ASP B 65 9.98 11.46 21.35
N PHE B 66 10.30 10.35 20.70
CA PHE B 66 10.87 9.20 21.36
C PHE B 66 12.27 9.50 21.91
N THR B 67 12.98 10.44 21.29
CA THR B 67 14.41 10.65 21.56
C THR B 67 14.69 11.49 22.79
N GLY B 68 13.71 12.29 23.21
CA GLY B 68 13.89 13.20 24.32
C GLY B 68 14.76 14.39 23.97
N LEU B 69 15.10 14.56 22.70
CA LEU B 69 15.95 15.66 22.27
C LEU B 69 15.17 16.98 22.16
N GLY B 70 13.84 16.89 22.12
CA GLY B 70 12.98 18.05 22.03
C GLY B 70 12.54 18.36 20.61
N ASN B 84 10.62 5.78 28.01
CA ASN B 84 10.42 4.34 28.18
C ASN B 84 8.99 3.96 27.76
N PHE B 85 8.61 2.71 27.99
CA PHE B 85 7.29 2.26 27.58
C PHE B 85 6.19 2.99 28.35
N GLU B 86 6.45 3.29 29.61
CA GLU B 86 5.43 3.94 30.42
C GLU B 86 5.12 5.33 29.87
N ASP B 87 6.13 6.02 29.34
CA ASP B 87 5.91 7.34 28.76
C ASP B 87 4.97 7.21 27.56
N LEU B 88 5.15 6.17 26.75
CA LEU B 88 4.27 5.97 25.60
C LEU B 88 2.86 5.59 26.06
N ARG B 89 2.76 4.69 27.05
CA ARG B 89 1.45 4.35 27.58
C ARG B 89 0.76 5.58 28.13
N ALA B 90 1.52 6.44 28.79
CA ALA B 90 0.93 7.65 29.37
C ALA B 90 0.35 8.55 28.30
N ALA B 91 0.97 8.57 27.14
CA ALA B 91 0.46 9.40 26.05
C ALA B 91 -0.86 8.83 25.53
N CYS B 92 -0.94 7.51 25.44
CA CYS B 92 -2.17 6.84 25.03
C CYS B 92 -3.29 7.07 26.05
N ARG B 93 -2.96 6.95 27.33
CA ARG B 93 -3.95 7.18 28.36
C ARG B 93 -4.42 8.64 28.34
N PHE B 94 -3.52 9.56 28.06
CA PHE B 94 -3.86 11.00 27.97
C PHE B 94 -4.89 11.23 26.87
N LEU B 95 -4.66 10.64 25.71
CA LEU B 95 -5.61 10.82 24.63
C LEU B 95 -6.96 10.22 25.00
N SER B 96 -6.95 9.02 25.60
CA SER B 96 -8.20 8.37 26.02
C SER B 96 -8.95 9.19 27.02
N ALA B 97 -8.23 9.86 27.91
CA ALA B 97 -8.89 10.66 28.94
C ALA B 97 -9.47 11.95 28.39
N GLN B 98 -8.65 12.70 27.65
CA GLN B 98 -8.93 14.10 27.32
C GLN B 98 -9.41 14.35 25.90
N TYR B 99 -9.20 13.37 25.02
CA TYR B 99 -9.61 13.44 23.62
C TYR B 99 -10.38 12.16 23.22
N GLU B 100 -9.84 11.36 22.30
CA GLU B 100 -10.35 10.03 22.03
C GLU B 100 -9.19 9.06 22.10
N PRO B 101 -9.45 7.80 22.46
CA PRO B 101 -8.36 6.84 22.43
C PRO B 101 -7.77 6.75 21.03
N PRO B 102 -6.44 6.63 20.91
CA PRO B 102 -5.89 6.58 19.56
C PRO B 102 -6.31 5.31 18.86
N ALA B 103 -6.77 5.46 17.64
CA ALA B 103 -7.21 4.31 16.84
C ALA B 103 -6.07 3.84 15.95
N LEU B 104 -5.07 4.69 15.81
CA LEU B 104 -3.91 4.42 14.97
C LEU B 104 -2.64 4.70 15.76
N LEU B 105 -1.75 3.71 15.85
CA LEU B 105 -0.40 3.96 16.36
C LEU B 105 0.58 3.91 15.22
N ILE B 106 1.49 4.89 15.22
CA ILE B 106 2.55 5.02 14.24
C ILE B 106 3.88 5.10 14.98
N GLY B 107 4.85 4.29 14.57
CA GLY B 107 6.14 4.32 15.20
C GLY B 107 7.28 4.30 14.20
N HIS B 108 8.19 5.25 14.36
CA HIS B 108 9.38 5.33 13.53
C HIS B 108 10.61 4.85 14.29
N SER B 109 11.38 3.97 13.64
CA SER B 109 12.68 3.52 14.14
C SER B 109 12.48 2.82 15.49
N LEU B 110 13.22 3.23 16.51
CA LEU B 110 13.03 2.64 17.82
C LEU B 110 11.63 2.90 18.34
N GLY B 111 11.03 4.01 17.91
CA GLY B 111 9.63 4.28 18.24
C GLY B 111 8.70 3.22 17.66
N GLY B 112 9.12 2.62 16.55
CA GLY B 112 8.38 1.54 15.92
C GLY B 112 8.43 0.27 16.77
N ALA B 113 9.62 -0.04 17.26
CA ALA B 113 9.75 -1.14 18.21
C ALA B 113 8.85 -0.89 19.42
N ALA B 114 8.87 0.32 19.93
CA ALA B 114 8.07 0.63 21.12
C ALA B 114 6.57 0.48 20.87
N VAL B 115 6.10 0.97 19.74
CA VAL B 115 4.68 0.89 19.43
C VAL B 115 4.26 -0.57 19.26
N LEU B 116 5.11 -1.38 18.64
CA LEU B 116 4.78 -2.78 18.45
C LEU B 116 4.73 -3.46 19.81
N ALA B 117 5.63 -3.04 20.70
CA ALA B 117 5.72 -3.66 22.02
C ALA B 117 4.53 -3.33 22.95
N VAL B 118 3.83 -2.21 22.72
CA VAL B 118 2.74 -1.82 23.63
C VAL B 118 1.34 -1.84 22.98
N ALA B 119 1.25 -2.02 21.67
CA ALA B 119 -0.04 -1.86 20.98
C ALA B 119 -1.11 -2.79 21.55
N GLY B 120 -0.70 -4.00 21.93
CA GLY B 120 -1.63 -4.97 22.49
C GLY B 120 -2.26 -4.55 23.81
N GLU B 121 -1.67 -3.57 24.48
CA GLU B 121 -2.22 -3.11 25.74
C GLU B 121 -3.44 -2.20 25.55
N PHE B 122 -3.70 -1.83 24.30
CA PHE B 122 -4.70 -0.82 23.98
C PHE B 122 -5.75 -1.32 22.99
N PRO B 123 -6.85 -1.88 23.50
CA PRO B 123 -7.86 -2.48 22.62
C PRO B 123 -8.48 -1.51 21.60
N GLU B 124 -8.50 -0.22 21.93
CA GLU B 124 -9.07 0.78 21.03
C GLU B 124 -8.20 1.09 19.81
N VAL B 125 -6.93 0.68 19.83
CA VAL B 125 -6.06 0.79 18.66
C VAL B 125 -6.52 -0.20 17.61
N LYS B 126 -6.83 0.32 16.42
CA LYS B 126 -7.39 -0.46 15.34
C LYS B 126 -6.41 -0.76 14.24
N ALA B 127 -5.26 -0.09 14.23
CA ALA B 127 -4.28 -0.27 13.15
C ALA B 127 -2.93 0.23 13.66
N VAL B 128 -1.87 -0.41 13.19
CA VAL B 128 -0.52 -0.07 13.60
C VAL B 128 0.37 0.03 12.35
N ALA B 129 1.17 1.09 12.29
CA ALA B 129 2.11 1.27 11.20
C ALA B 129 3.48 1.62 11.74
N THR B 130 4.52 1.11 11.08
CA THR B 130 5.88 1.42 11.50
C THR B 130 6.78 1.78 10.33
N ILE B 131 7.83 2.54 10.63
CA ILE B 131 8.75 3.03 9.61
C ILE B 131 10.17 2.72 10.06
N GLY B 132 10.84 1.82 9.37
CA GLY B 132 12.20 1.47 9.72
C GLY B 132 12.36 0.76 11.05
N ALA B 133 11.34 0.00 11.48
CA ALA B 133 11.39 -0.67 12.77
C ALA B 133 12.35 -1.89 12.78
N PRO B 134 13.15 -2.00 13.84
CA PRO B 134 13.93 -3.23 14.02
C PRO B 134 13.05 -4.37 14.51
N CYS B 135 13.51 -5.61 14.33
CA CYS B 135 12.70 -6.79 14.61
CA CYS B 135 12.71 -6.79 14.61
C CYS B 135 13.11 -7.50 15.89
N ASP B 136 14.38 -7.40 16.27
CA ASP B 136 14.82 -8.13 17.46
C ASP B 136 15.98 -7.43 18.19
N PRO B 137 16.31 -7.93 19.40
CA PRO B 137 17.37 -7.33 20.22
C PRO B 137 18.70 -7.24 19.49
N ALA B 138 19.08 -8.30 18.78
CA ALA B 138 20.34 -8.33 18.05
C ALA B 138 20.48 -7.07 17.19
N HIS B 139 19.40 -6.71 16.51
CA HIS B 139 19.44 -5.61 15.57
C HIS B 139 19.29 -4.25 16.26
N VAL B 140 18.77 -4.24 17.49
CA VAL B 140 18.71 -2.99 18.24
C VAL B 140 20.05 -2.72 18.94
N ARG B 141 20.74 -3.79 19.34
CA ARG B 141 22.01 -3.67 20.06
C ARG B 141 23.02 -2.89 19.22
N HIS B 142 22.93 -3.06 17.90
CA HIS B 142 23.76 -2.33 16.96
C HIS B 142 23.61 -0.82 17.10
N LEU B 143 22.46 -0.40 17.62
CA LEU B 143 22.12 1.02 17.70
C LEU B 143 22.51 1.63 19.04
N LEU B 144 22.65 0.78 20.07
CA LEU B 144 22.82 1.22 21.46
C LEU B 144 24.19 0.90 22.05
N ARG B 145 24.53 1.66 23.07
CA ARG B 145 25.73 1.42 23.86
C ARG B 145 25.37 1.86 25.28
N PRO B 146 25.87 1.15 26.32
CA PRO B 146 25.54 1.64 27.67
C PRO B 146 26.07 3.06 27.90
N ALA B 147 25.28 3.89 28.56
CA ALA B 147 25.72 5.24 28.89
C ALA B 147 26.56 5.22 30.15
N LEU B 148 27.42 6.22 30.34
CA LEU B 148 28.18 6.33 31.58
C LEU B 148 27.23 6.58 32.74
N GLU B 156 21.03 3.84 31.64
CA GLU B 156 20.60 4.40 30.37
C GLU B 156 21.56 3.99 29.23
N ALA B 157 21.14 4.23 28.00
CA ALA B 157 21.96 3.88 26.84
C ALA B 157 22.07 5.08 25.92
N VAL B 158 23.13 5.10 25.12
CA VAL B 158 23.30 6.09 24.07
C VAL B 158 22.94 5.43 22.75
N VAL B 159 22.11 6.11 21.97
CA VAL B 159 21.59 5.60 20.72
C VAL B 159 22.10 6.43 19.56
N ASP B 160 22.46 5.75 18.48
CA ASP B 160 22.99 6.37 17.28
C ASP B 160 22.15 5.90 16.08
N LEU B 161 21.36 6.82 15.52
CA LEU B 161 20.59 6.50 14.32
C LEU B 161 21.11 7.22 13.09
N GLY B 162 22.38 7.62 13.12
CA GLY B 162 23.01 8.25 11.98
C GLY B 162 22.86 9.75 11.94
N GLY B 163 22.15 10.32 12.91
CA GLY B 163 22.01 11.77 13.04
C GLY B 163 22.47 12.21 14.42
N ARG B 164 21.72 13.10 15.07
CA ARG B 164 22.01 13.50 16.45
C ARG B 164 21.80 12.31 17.39
N PRO B 165 22.80 11.94 18.18
CA PRO B 165 22.59 10.81 19.09
C PRO B 165 21.75 11.21 20.30
N PHE B 166 21.22 10.23 21.02
CA PHE B 166 20.35 10.54 22.15
C PHE B 166 20.44 9.46 23.21
N ARG B 167 19.81 9.73 24.36
CA ARG B 167 19.81 8.80 25.47
C ARG B 167 18.47 8.11 25.56
N ILE B 168 18.49 6.88 26.04
CA ILE B 168 17.27 6.17 26.36
C ILE B 168 17.39 5.56 27.74
N GLU B 175 13.67 -5.15 28.30
CA GLU B 175 12.22 -5.09 28.10
C GLU B 175 11.77 -5.75 26.80
N LEU B 176 12.23 -5.22 25.66
CA LEU B 176 11.96 -5.82 24.36
C LEU B 176 12.22 -7.33 24.36
N GLU B 177 13.33 -7.70 25.00
CA GLU B 177 13.79 -9.08 24.98
C GLU B 177 12.77 -9.97 25.65
N ARG B 178 12.21 -9.50 26.76
CA ARG B 178 11.31 -10.31 27.56
C ARG B 178 10.02 -10.60 26.80
N VAL B 179 9.47 -9.57 26.17
CA VAL B 179 8.19 -9.73 25.50
C VAL B 179 8.37 -10.32 24.12
N ASN B 180 9.49 -9.98 23.46
CA ASN B 180 9.87 -10.49 22.13
C ASN B 180 9.02 -9.80 21.05
N LEU B 181 9.66 -8.97 20.25
CA LEU B 181 8.91 -8.14 19.33
C LEU B 181 8.19 -8.99 18.28
N GLU B 182 8.82 -10.06 17.83
CA GLU B 182 8.15 -10.95 16.90
C GLU B 182 6.87 -11.52 17.49
N ASP B 183 6.92 -11.95 18.75
CA ASP B 183 5.72 -12.46 19.39
C ASP B 183 4.68 -11.38 19.62
N GLN B 184 5.12 -10.15 19.90
CA GLN B 184 4.17 -9.05 20.07
C GLN B 184 3.43 -8.82 18.75
N VAL B 185 4.16 -8.80 17.64
CA VAL B 185 3.47 -8.56 16.37
C VAL B 185 2.59 -9.73 16.02
N ARG B 186 3.03 -10.95 16.36
CA ARG B 186 2.23 -12.12 16.04
C ARG B 186 0.90 -12.14 16.80
N THR B 187 0.89 -11.59 18.02
CA THR B 187 -0.29 -11.65 18.86
C THR B 187 -1.17 -10.39 18.89
N MET B 188 -0.79 -9.33 18.19
CA MET B 188 -1.49 -8.08 18.43
C MET B 188 -2.90 -8.09 17.82
N ARG B 189 -3.16 -8.98 16.86
CA ARG B 189 -4.49 -9.13 16.28
C ARG B 189 -5.07 -7.80 15.80
N ARG B 190 -4.24 -7.04 15.08
CA ARG B 190 -4.77 -5.92 14.33
CA ARG B 190 -4.64 -5.78 14.47
C ARG B 190 -3.94 -5.67 13.11
N PRO B 191 -4.56 -4.98 12.13
CA PRO B 191 -3.86 -4.70 10.88
C PRO B 191 -2.51 -3.99 11.09
N LEU B 192 -1.53 -4.42 10.30
CA LEU B 192 -0.17 -3.90 10.37
C LEU B 192 0.26 -3.38 9.00
N LEU B 193 0.90 -2.23 9.00
CA LEU B 193 1.56 -1.69 7.81
C LEU B 193 3.03 -1.37 8.13
N LEU B 194 3.94 -2.06 7.43
CA LEU B 194 5.38 -1.87 7.60
C LEU B 194 5.92 -1.06 6.45
N PHE B 195 6.55 0.06 6.75
CA PHE B 195 7.35 0.79 5.74
C PHE B 195 8.82 0.54 6.01
N HIS B 196 9.62 0.31 4.96
CA HIS B 196 11.05 0.20 5.16
C HIS B 196 11.78 0.45 3.85
N SER B 197 12.94 1.10 3.95
CA SER B 197 13.79 1.31 2.79
C SER B 197 14.76 0.16 2.58
N PRO B 198 14.82 -0.40 1.36
CA PRO B 198 15.83 -1.43 1.05
C PRO B 198 17.27 -0.94 1.29
N THR B 199 17.49 0.36 1.20
CA THR B 199 18.82 0.93 1.37
C THR B 199 18.99 1.60 2.75
N ASP B 200 18.11 1.33 3.71
CA ASP B 200 18.30 1.77 5.08
C ASP B 200 19.66 1.28 5.62
N GLN B 201 20.49 2.22 6.06
CA GLN B 201 21.85 1.93 6.52
C GLN B 201 21.92 1.73 8.05
N ILE B 202 20.80 1.97 8.74
CA ILE B 202 20.75 1.96 10.20
C ILE B 202 20.04 0.69 10.70
N VAL B 203 18.85 0.46 10.15
CA VAL B 203 18.10 -0.75 10.42
C VAL B 203 17.91 -1.44 9.09
N GLY B 204 18.56 -2.57 8.90
CA GLY B 204 18.52 -3.25 7.62
C GLY B 204 17.12 -3.71 7.23
N ILE B 205 16.88 -3.73 5.92
CA ILE B 205 15.60 -4.18 5.37
C ILE B 205 15.19 -5.57 5.84
N GLU B 206 16.16 -6.41 6.21
CA GLU B 206 15.82 -7.75 6.68
C GLU B 206 14.92 -7.72 7.94
N ASN B 207 14.98 -6.63 8.72
CA ASN B 207 14.10 -6.47 9.88
C ASN B 207 12.61 -6.41 9.46
N ALA B 208 12.32 -5.82 8.31
CA ALA B 208 10.95 -5.75 7.85
C ALA B 208 10.46 -7.12 7.42
N ALA B 209 11.33 -7.90 6.78
CA ALA B 209 10.96 -9.25 6.40
C ALA B 209 10.67 -10.12 7.65
N CYS B 210 11.50 -9.94 8.68
CA CYS B 210 11.34 -10.63 9.96
C CYS B 210 9.98 -10.31 10.61
N LEU B 211 9.64 -9.03 10.65
CA LEU B 211 8.38 -8.61 11.25
C LEU B 211 7.20 -9.10 10.41
N PHE B 212 7.34 -9.01 9.08
CA PHE B 212 6.25 -9.45 8.22
C PHE B 212 5.98 -10.97 8.37
N GLN B 213 7.05 -11.75 8.44
CA GLN B 213 6.92 -13.19 8.62
C GLN B 213 6.26 -13.58 9.94
N ALA B 214 6.53 -12.81 10.99
CA ALA B 214 5.96 -13.07 12.30
C ALA B 214 4.48 -12.66 12.36
N ALA B 215 4.14 -11.59 11.66
CA ALA B 215 2.79 -11.08 11.74
C ALA B 215 1.78 -12.04 11.11
N ARG B 216 0.53 -11.90 11.52
CA ARG B 216 -0.59 -12.52 10.84
C ARG B 216 -1.33 -11.48 9.99
N HIS B 217 -2.21 -11.94 9.09
CA HIS B 217 -3.01 -11.01 8.33
C HIS B 217 -4.06 -10.32 9.19
N PRO B 218 -4.41 -9.08 8.83
CA PRO B 218 -3.86 -8.31 7.69
C PRO B 218 -2.47 -7.75 7.97
N LYS B 219 -1.54 -8.00 7.05
CA LYS B 219 -0.20 -7.45 7.15
C LYS B 219 0.21 -6.97 5.78
N SER B 220 0.85 -5.81 5.78
CA SER B 220 1.23 -5.12 4.55
C SER B 220 2.65 -4.56 4.68
N PHE B 221 3.31 -4.39 3.53
CA PHE B 221 4.66 -3.87 3.46
C PHE B 221 4.77 -2.90 2.28
N VAL B 222 5.33 -1.71 2.53
CA VAL B 222 5.57 -0.73 1.47
C VAL B 222 7.06 -0.36 1.46
N SER B 223 7.66 -0.58 0.30
CA SER B 223 9.06 -0.24 0.06
C SER B 223 9.27 1.26 -0.06
N LEU B 224 10.26 1.76 0.65
CA LEU B 224 10.66 3.15 0.53
C LEU B 224 11.83 3.37 -0.45
N ASP B 225 12.05 2.41 -1.36
CA ASP B 225 13.01 2.51 -2.48
C ASP B 225 14.41 3.00 -2.07
N GLN B 226 14.67 4.31 -2.19
CA GLN B 226 16.01 4.87 -1.93
C GLN B 226 16.05 5.77 -0.69
N ALA B 227 14.99 5.76 0.09
CA ALA B 227 14.92 6.60 1.27
C ALA B 227 15.99 6.20 2.30
N ASP B 228 16.40 7.16 3.13
CA ASP B 228 17.24 6.83 4.28
C ASP B 228 16.39 6.65 5.55
N HIS B 229 17.06 6.24 6.62
CA HIS B 229 16.39 5.85 7.85
C HIS B 229 15.55 6.99 8.43
N LEU B 230 16.07 8.20 8.35
CA LEU B 230 15.40 9.36 8.95
C LEU B 230 14.55 10.17 7.93
N LEU B 231 14.32 9.60 6.74
CA LEU B 231 13.52 10.26 5.69
C LEU B 231 13.94 11.70 5.44
N SER B 232 15.20 11.87 5.08
CA SER B 232 15.77 13.19 4.78
C SER B 232 15.11 13.86 3.57
N ASN B 233 14.54 13.05 2.69
CA ASN B 233 13.89 13.56 1.49
C ASN B 233 12.41 13.74 1.80
N SER B 234 11.93 14.99 1.77
CA SER B 234 10.56 15.27 2.15
C SER B 234 9.55 14.58 1.23
N ASP B 235 9.96 14.24 0.01
CA ASP B 235 9.09 13.53 -0.91
C ASP B 235 8.80 12.13 -0.37
N ASP B 236 9.78 11.53 0.30
CA ASP B 236 9.58 10.23 0.93
C ASP B 236 8.65 10.36 2.17
N ALA B 237 8.83 11.40 2.95
CA ALA B 237 7.93 11.63 4.10
C ALA B 237 6.50 11.83 3.64
N ALA B 238 6.31 12.59 2.56
CA ALA B 238 4.97 12.86 2.04
C ALA B 238 4.32 11.54 1.60
N PHE B 239 5.09 10.70 0.94
CA PHE B 239 4.67 9.37 0.49
C PHE B 239 4.20 8.52 1.67
N VAL B 240 5.02 8.43 2.71
CA VAL B 240 4.66 7.66 3.89
C VAL B 240 3.36 8.19 4.50
N GLY B 241 3.28 9.49 4.69
CA GLY B 241 2.09 10.06 5.32
C GLY B 241 0.83 9.85 4.49
N GLU B 242 0.90 10.03 3.17
CA GLU B 242 -0.29 9.85 2.35
C GLU B 242 -0.73 8.40 2.25
N VAL B 243 0.22 7.49 2.04
CA VAL B 243 -0.12 6.07 1.98
C VAL B 243 -0.67 5.60 3.35
N LEU B 244 -0.02 6.01 4.43
CA LEU B 244 -0.44 5.60 5.77
C LEU B 244 -1.88 6.05 6.05
N GLY B 245 -2.18 7.31 5.77
CA GLY B 245 -3.52 7.83 6.02
C GLY B 245 -4.58 7.11 5.21
N ALA B 246 -4.26 6.81 3.94
CA ALA B 246 -5.19 6.09 3.09
C ALA B 246 -5.43 4.68 3.60
N TRP B 247 -4.35 4.03 3.98
CA TRP B 247 -4.45 2.65 4.44
C TRP B 247 -5.25 2.53 5.74
N ALA B 248 -4.94 3.40 6.68
CA ALA B 248 -5.55 3.28 8.00
C ALA B 248 -7.04 3.63 7.96
N ARG B 249 -7.48 4.38 6.95
CA ARG B 249 -8.88 4.77 6.88
C ARG B 249 -9.82 3.56 6.80
N ARG B 250 -9.32 2.42 6.30
CA ARG B 250 -10.12 1.20 6.22
C ARG B 250 -10.52 0.68 7.60
N TYR B 251 -9.73 1.04 8.61
CA TYR B 251 -9.83 0.41 9.93
C TYR B 251 -10.26 1.35 11.05
N VAL B 252 -10.03 2.65 10.89
CA VAL B 252 -10.26 3.56 12.01
C VAL B 252 -11.64 4.17 11.97
N GLY B 253 -12.23 4.27 10.78
CA GLY B 253 -13.50 4.95 10.64
C GLY B 253 -14.65 4.16 11.21
C1 PGE C . 12.50 -7.35 1.60
O1 PGE C . 11.94 -7.47 0.31
C2 PGE C . 11.43 -6.82 2.56
O2 PGE C . 10.44 -7.81 2.72
C3 PGE C . 9.24 -7.30 3.27
C4 PGE C . 8.15 -8.32 3.05
O4 PGE C . 9.69 -12.17 3.94
C6 PGE C . 8.32 -11.83 4.02
C5 PGE C . 8.03 -10.68 3.08
O3 PGE C . 8.65 -9.51 3.58
H1 PGE C . 13.35 -6.65 1.62
H12 PGE C . 12.86 -8.33 1.99
HO1 PGE C . 10.99 -7.27 0.37
H2 PGE C . 11.00 -5.90 2.13
H22 PGE C . 11.91 -6.56 3.52
H3 PGE C . 8.95 -6.35 2.78
H32 PGE C . 9.35 -7.11 4.35
H4 PGE C . 7.93 -8.41 1.98
H42 PGE C . 7.23 -8.00 3.57
HO4 PGE C . 9.85 -12.88 4.57
H6 PGE C . 8.04 -11.51 5.04
H62 PGE C . 7.66 -12.67 3.74
H5 PGE C . 6.94 -10.54 2.98
H52 PGE C . 8.43 -10.92 2.08
C1 PGE D . 7.16 -13.23 0.01
O1 PGE D . 7.05 -14.38 0.85
C2 PGE D . 6.39 -12.10 0.67
O2 PGE D . 5.11 -12.04 0.10
C3 PGE D . 4.34 -10.89 0.38
C4 PGE D . 2.92 -11.36 0.17
O4 PGE D . 0.64 -13.97 3.33
C6 PGE D . 1.40 -12.86 2.85
C5 PGE D . 1.46 -12.88 1.33
O3 PGE D . 2.78 -12.53 0.94
H1 PGE D . 6.72 -13.41 -0.99
H12 PGE D . 8.20 -12.92 -0.11
HO1 PGE D . 6.65 -15.08 0.34
H2 PGE D . 6.94 -11.15 0.53
H22 PGE D . 6.34 -12.29 1.76
H3 PGE D . 4.57 -10.06 -0.30
H32 PGE D . 4.48 -10.55 1.42
H4 PGE D . 2.75 -11.56 -0.90
H42 PGE D . 2.22 -10.56 0.48
HO4 PGE D . 1.16 -14.41 4.03
H6 PGE D . 2.43 -12.88 3.24
H62 PGE D . 0.95 -11.90 3.16
H5 PGE D . 0.71 -12.18 0.92
H52 PGE D . 1.20 -13.89 0.97
#